data_4O0H
#
_entry.id   4O0H
#
_cell.length_a   59.651
_cell.length_b   59.651
_cell.length_c   298.517
_cell.angle_alpha   90.00
_cell.angle_beta   90.00
_cell.angle_gamma   120.00
#
_symmetry.space_group_name_H-M   'P 65'
#
loop_
_entity.id
_entity.type
_entity.pdbx_description
1 polymer 'Isoaspartyl peptidase/L-asparaginase'
2 non-polymer 'BETA-L-ASPARTIC ACID'
3 non-polymer 'SODIUM ION'
4 water water
#
_entity_poly.entity_id   1
_entity_poly.type   'polypeptide(L)'
_entity_poly.pdbx_seq_one_letter_code
;HMNPIVVVHGGGAGPISKDRKERVHQGMVRAATVGYGILREGGSAVDAVEGAVVALEDDPEFNAGCGSVLNTNGEVEMDA
SIMDGKDLSAGAVSAVQCIANPIKLARLVMEKTPHCFLTDQGAAQFAAAMGVPEIPGEKLVTERNKKRLEKEKHEKGAQK
TDCQKNLGTVGAVALDCKGNVAYATSTGGIVNKMVGRVGDSPCLGAGGYADNDIGAVSTTGHGESILKVNLARLTLFHIE
QGKTVEEAADLSLGYMKSRVKGLGGLIVVSKTGDWVAKWTSTSMPWAAAKDGKLHFGIDPDDTTITDLP
;
_entity_poly.pdbx_strand_id   A,B
#
# COMPACT_ATOMS: atom_id res chain seq x y z
N HIS A 1 9.93 31.83 -9.26
CA HIS A 1 9.81 30.53 -8.57
C HIS A 1 8.84 30.54 -7.40
N MET A 2 8.51 29.34 -6.92
CA MET A 2 7.50 29.12 -5.89
C MET A 2 7.99 29.56 -4.52
N ASN A 3 7.13 30.26 -3.79
CA ASN A 3 7.33 30.51 -2.37
C ASN A 3 7.18 29.16 -1.70
N PRO A 4 8.15 28.78 -0.82
CA PRO A 4 7.98 27.43 -0.27
C PRO A 4 7.01 27.32 0.90
N ILE A 5 6.50 26.11 1.11
CA ILE A 5 5.61 25.86 2.24
C ILE A 5 5.71 24.44 2.79
N VAL A 6 5.73 24.34 4.13
CA VAL A 6 5.63 23.09 4.85
C VAL A 6 4.37 23.07 5.76
N VAL A 7 3.69 21.94 5.74
CA VAL A 7 2.63 21.65 6.69
C VAL A 7 3.01 20.36 7.39
N VAL A 8 2.75 20.30 8.70
CA VAL A 8 3.06 19.16 9.51
C VAL A 8 1.82 18.71 10.30
N HIS A 9 1.79 17.43 10.65
CA HIS A 9 0.79 16.93 11.60
C HIS A 9 1.35 15.83 12.52
N GLY A 10 0.75 15.70 13.69
N GLY A 10 0.62 15.58 13.63
CA GLY A 10 0.60 14.42 14.34
CA GLY A 10 0.67 14.27 14.31
C GLY A 10 -0.87 14.63 14.50
C GLY A 10 -0.33 14.11 15.46
N GLY A 11 -1.59 13.75 15.17
CA GLY A 11 -1.90 12.46 14.66
C GLY A 11 -3.37 12.79 14.88
N GLY A 12 -4.24 12.21 14.07
CA GLY A 12 -5.66 12.51 14.18
C GLY A 12 -6.27 11.70 15.30
N ALA A 13 -6.15 12.21 16.54
CA ALA A 13 -6.55 11.48 17.75
C ALA A 13 -7.78 12.07 18.45
N GLY A 14 -7.90 11.81 19.75
CA GLY A 14 -9.09 12.18 20.50
C GLY A 14 -8.94 13.52 21.18
N PRO A 15 -9.64 13.71 22.31
CA PRO A 15 -9.43 14.91 23.12
C PRO A 15 -7.98 15.02 23.56
N ILE A 16 -7.43 16.23 23.57
CA ILE A 16 -6.10 16.47 24.13
C ILE A 16 -6.22 17.32 25.40
N SER A 17 -5.66 16.82 26.51
CA SER A 17 -5.67 17.53 27.81
C SER A 17 -4.78 18.78 27.82
N LYS A 18 -4.93 19.62 28.85
CA LYS A 18 -4.26 20.94 28.92
C LYS A 18 -2.73 20.85 29.01
N ASP A 19 -2.26 19.91 29.83
CA ASP A 19 -0.84 19.65 30.04
C ASP A 19 -0.16 19.13 28.77
N ARG A 20 -0.84 18.23 28.06
CA ARG A 20 -0.36 17.74 26.78
C ARG A 20 -0.50 18.83 25.69
N LYS A 21 -1.50 19.68 25.82
CA LYS A 21 -1.77 20.72 24.81
C LYS A 21 -0.51 21.49 24.47
N GLU A 22 0.27 21.81 25.50
CA GLU A 22 1.35 22.78 25.38
C GLU A 22 2.64 22.20 24.85
N ARG A 23 3.01 21.03 25.37
CA ARG A 23 4.15 20.28 24.87
C ARG A 23 3.91 19.98 23.39
N VAL A 24 2.75 19.39 23.09
CA VAL A 24 2.33 19.10 21.71
C VAL A 24 2.47 20.33 20.80
N HIS A 25 1.98 21.48 21.24
CA HIS A 25 2.23 22.75 20.51
C HIS A 25 3.73 22.96 20.23
N GLN A 26 4.55 22.83 21.26
CA GLN A 26 6.00 23.05 21.14
C GLN A 26 6.67 22.11 20.14
N GLY A 27 6.27 20.83 20.17
CA GLY A 27 6.77 19.83 19.25
C GLY A 27 6.44 20.14 17.81
N MET A 28 5.18 20.50 17.56
CA MET A 28 4.70 20.92 16.23
C MET A 28 5.42 22.17 15.72
N VAL A 29 5.51 23.17 16.59
CA VAL A 29 6.24 24.43 16.33
C VAL A 29 7.69 24.16 15.90
N ARG A 30 8.37 23.26 16.61
CA ARG A 30 9.77 22.89 16.32
C ARG A 30 9.92 22.20 14.94
N ALA A 31 9.04 21.24 14.65
CA ALA A 31 9.10 20.46 13.41
C ALA A 31 8.78 21.30 12.16
N ALA A 32 7.76 22.15 12.26
CA ALA A 32 7.43 23.07 11.18
C ALA A 32 8.58 24.05 10.94
N THR A 33 9.31 24.38 12.01
CA THR A 33 10.46 25.30 11.97
C THR A 33 11.66 24.66 11.29
N VAL A 34 11.90 23.39 11.57
CA VAL A 34 13.03 22.64 10.99
C VAL A 34 12.82 22.53 9.48
N GLY A 35 11.60 22.19 9.07
CA GLY A 35 11.27 22.06 7.66
C GLY A 35 11.37 23.35 6.85
N TYR A 36 10.81 24.43 7.40
CA TYR A 36 10.79 25.73 6.70
C TYR A 36 12.20 26.28 6.54
N GLY A 37 13.05 26.03 7.53
CA GLY A 37 14.43 26.52 7.49
C GLY A 37 15.21 25.81 6.38
N ILE A 38 14.88 24.54 6.14
CA ILE A 38 15.52 23.77 5.08
C ILE A 38 15.10 24.39 3.75
N LEU A 39 13.80 24.58 3.55
CA LEU A 39 13.27 25.27 2.37
C LEU A 39 13.79 26.70 2.14
N ARG A 40 14.02 27.44 3.23
CA ARG A 40 14.59 28.80 3.19
C ARG A 40 16.10 28.72 2.96
N GLU A 41 16.68 27.55 3.13
CA GLU A 41 18.11 27.41 2.91
C GLU A 41 18.45 26.76 1.58
N GLY A 42 17.42 26.40 0.80
CA GLY A 42 17.63 25.91 -0.56
C GLY A 42 17.46 24.41 -0.69
N GLY A 43 17.15 23.76 0.43
CA GLY A 43 16.85 22.33 0.46
C GLY A 43 15.62 21.92 -0.33
N SER A 44 15.54 20.65 -0.62
CA SER A 44 14.39 20.11 -1.34
C SER A 44 13.21 19.84 -0.39
N ALA A 45 12.03 19.70 -0.98
CA ALA A 45 10.83 19.25 -0.26
C ALA A 45 11.08 17.93 0.50
N VAL A 46 11.72 16.97 -0.15
CA VAL A 46 12.08 15.70 0.52
C VAL A 46 12.93 15.94 1.76
N ASP A 47 13.99 16.75 1.65
CA ASP A 47 14.83 17.13 2.81
C ASP A 47 13.96 17.75 3.90
N ALA A 48 13.07 18.64 3.49
CA ALA A 48 12.19 19.35 4.41
C ALA A 48 11.15 18.44 5.06
N VAL A 49 10.62 17.46 4.32
CA VAL A 49 9.63 16.54 4.91
C VAL A 49 10.28 15.51 5.81
N GLU A 50 11.44 15.00 5.39
CA GLU A 50 12.28 14.16 6.23
C GLU A 50 12.68 14.96 7.47
N GLY A 51 13.08 16.22 7.25
CA GLY A 51 13.42 17.11 8.34
C GLY A 51 12.40 17.12 9.46
N ALA A 52 11.16 17.42 9.12
CA ALA A 52 10.12 17.65 10.14
C ALA A 52 9.64 16.40 10.89
N VAL A 53 9.71 15.25 10.23
CA VAL A 53 9.22 13.98 10.75
C VAL A 53 10.24 13.37 11.74
N VAL A 54 11.53 13.53 11.44
CA VAL A 54 12.60 13.19 12.39
C VAL A 54 12.41 13.98 13.68
N ALA A 55 12.05 15.26 13.57
CA ALA A 55 11.78 16.09 14.75
C ALA A 55 10.66 15.53 15.66
N LEU A 56 9.70 14.83 15.07
CA LEU A 56 8.57 14.25 15.82
C LEU A 56 8.81 12.76 16.18
N GLU A 57 9.67 12.13 15.36
CA GLU A 57 10.23 10.83 15.72
C GLU A 57 11.15 10.96 16.96
N ASP A 58 11.94 12.03 17.01
CA ASP A 58 12.88 12.21 18.13
C ASP A 58 12.14 12.61 19.40
N ASP A 59 11.13 13.47 19.26
CA ASP A 59 10.29 13.94 20.36
C ASP A 59 9.39 12.83 20.97
N PRO A 60 9.53 12.60 22.30
CA PRO A 60 8.80 11.55 22.99
C PRO A 60 7.29 11.82 23.03
N GLU A 61 6.89 13.07 22.81
CA GLU A 61 5.47 13.43 22.91
C GLU A 61 4.60 12.91 21.75
N PHE A 62 5.23 12.32 20.74
CA PHE A 62 4.51 11.95 19.50
C PHE A 62 4.72 10.49 19.08
N ASN A 63 3.59 9.89 18.71
CA ASN A 63 3.48 8.50 18.28
C ASN A 63 4.22 8.26 16.96
N ALA A 64 5.52 8.00 17.11
CA ALA A 64 6.48 7.78 16.02
C ALA A 64 7.86 7.89 16.65
N GLY A 65 8.81 7.14 16.09
CA GLY A 65 10.16 6.95 16.65
C GLY A 65 10.28 6.60 18.14
N CYS A 66 10.76 7.56 18.93
CA CYS A 66 10.68 7.48 20.38
C CYS A 66 9.33 8.08 20.83
N GLY A 67 8.64 7.31 21.66
CA GLY A 67 7.28 7.65 22.10
C GLY A 67 6.19 6.99 21.26
N SER A 68 6.59 6.00 20.45
CA SER A 68 5.66 5.26 19.60
C SER A 68 4.75 4.43 20.51
N VAL A 69 3.53 4.11 20.05
CA VAL A 69 2.69 3.13 20.78
C VAL A 69 3.37 1.77 20.85
N LEU A 70 3.00 1.00 21.88
CA LEU A 70 3.59 -0.32 22.10
C LEU A 70 2.64 -1.38 21.58
N ASN A 71 3.19 -2.45 20.98
CA ASN A 71 2.31 -3.48 20.37
C ASN A 71 1.57 -4.34 21.39
N THR A 72 1.26 -5.58 21.02
CA THR A 72 0.67 -6.52 21.97
C THR A 72 1.70 -7.06 22.98
N ASN A 73 2.91 -7.39 22.52
CA ASN A 73 4.03 -7.83 23.40
C ASN A 73 4.67 -6.77 24.32
N GLY A 74 4.29 -5.51 24.18
CA GLY A 74 4.99 -4.42 24.85
C GLY A 74 6.27 -4.04 24.12
N GLU A 75 6.21 -4.07 22.80
CA GLU A 75 7.37 -3.76 21.96
C GLU A 75 7.00 -2.69 20.92
N VAL A 76 7.92 -1.79 20.62
CA VAL A 76 7.69 -0.74 19.63
C VAL A 76 7.92 -1.29 18.21
N GLU A 77 6.91 -1.17 17.33
CA GLU A 77 7.03 -1.56 15.91
C GLU A 77 6.58 -0.41 15.04
N MET A 78 7.40 -0.05 14.08
CA MET A 78 7.25 1.24 13.44
C MET A 78 7.16 1.10 11.92
N ASP A 79 6.39 2.00 11.33
CA ASP A 79 6.18 2.14 9.90
C ASP A 79 6.45 3.60 9.54
N ALA A 80 7.08 3.83 8.39
CA ALA A 80 7.27 5.18 7.89
C ALA A 80 7.37 5.08 6.40
N SER A 81 6.99 6.14 5.69
CA SER A 81 7.18 6.24 4.23
C SER A 81 7.38 7.68 3.76
N ILE A 82 8.14 7.81 2.68
CA ILE A 82 8.49 9.12 2.10
C ILE A 82 8.36 9.06 0.56
N MET A 83 7.92 10.15 -0.08
CA MET A 83 7.69 10.16 -1.55
C MET A 83 7.96 11.54 -2.19
N ASP A 84 8.73 11.57 -3.28
CA ASP A 84 8.92 12.81 -4.05
C ASP A 84 8.10 12.79 -5.34
N GLY A 85 7.30 13.85 -5.52
CA GLY A 85 6.36 13.95 -6.62
C GLY A 85 6.96 14.30 -7.97
N LYS A 86 8.27 14.44 -7.98
CA LYS A 86 9.02 14.81 -9.16
C LYS A 86 8.96 13.67 -10.17
N ASP A 87 9.38 12.49 -9.71
CA ASP A 87 9.46 11.28 -10.51
C ASP A 87 8.70 10.12 -9.84
N LEU A 88 8.02 10.42 -8.73
CA LEU A 88 7.33 9.42 -7.90
C LEU A 88 8.29 8.44 -7.20
N SER A 89 9.58 8.79 -7.13
CA SER A 89 10.50 8.02 -6.31
C SER A 89 9.93 7.92 -4.90
N ALA A 90 9.99 6.72 -4.32
CA ALA A 90 9.48 6.52 -2.97
C ALA A 90 10.25 5.51 -2.17
N GLY A 91 10.16 5.68 -0.85
CA GLY A 91 10.69 4.72 0.10
C GLY A 91 9.76 4.52 1.30
N ALA A 92 9.72 3.29 1.80
CA ALA A 92 8.80 2.90 2.88
C ALA A 92 9.39 1.71 3.61
N VAL A 93 9.05 1.59 4.91
CA VAL A 93 9.47 0.56 5.80
C VAL A 93 8.32 0.22 6.76
N SER A 94 8.13 -1.08 7.02
CA SER A 94 7.11 -1.52 7.96
C SER A 94 7.66 -2.39 9.07
N ALA A 95 7.00 -2.35 10.24
CA ALA A 95 7.39 -3.12 11.43
C ALA A 95 8.89 -3.07 11.73
N VAL A 96 9.47 -1.88 11.70
CA VAL A 96 10.88 -1.65 12.05
C VAL A 96 11.06 -1.50 13.56
N GLN A 97 12.06 -2.21 14.11
CA GLN A 97 12.32 -2.15 15.54
C GLN A 97 13.72 -1.63 15.85
N CYS A 98 13.88 -1.12 17.08
CA CYS A 98 15.15 -0.78 17.72
C CYS A 98 15.93 0.30 16.96
N ILE A 99 15.22 1.25 16.37
CA ILE A 99 15.86 2.33 15.59
C ILE A 99 15.16 3.67 15.86
N ALA A 100 15.96 4.75 15.85
CA ALA A 100 15.43 6.08 16.16
C ALA A 100 14.52 6.64 15.06
N ASN A 101 14.95 6.53 13.81
CA ASN A 101 14.30 7.30 12.77
C ASN A 101 13.90 6.43 11.59
N PRO A 102 12.72 5.76 11.69
CA PRO A 102 12.25 4.94 10.58
C PRO A 102 12.20 5.69 9.25
N ILE A 103 11.86 7.00 9.29
CA ILE A 103 11.78 7.87 8.08
C ILE A 103 13.14 8.08 7.42
N LYS A 104 14.17 8.19 8.25
CA LYS A 104 15.53 8.18 7.77
C LYS A 104 15.86 6.85 7.07
N LEU A 105 15.41 5.71 7.60
CA LEU A 105 15.59 4.41 6.93
C LEU A 105 14.73 4.30 5.67
N ALA A 106 13.55 4.88 5.74
CA ALA A 106 12.68 4.95 4.54
C ALA A 106 13.34 5.74 3.39
N ARG A 107 14.02 6.85 3.71
CA ARG A 107 14.66 7.65 2.66
C ARG A 107 15.74 6.86 1.91
N LEU A 108 16.48 6.05 2.67
CA LEU A 108 17.63 5.30 2.14
C LEU A 108 17.20 4.17 1.24
N VAL A 109 16.07 3.53 1.58
CA VAL A 109 15.41 2.56 0.69
C VAL A 109 15.10 3.22 -0.64
N MET A 110 14.57 4.43 -0.59
CA MET A 110 14.35 5.12 -1.84
C MET A 110 15.71 5.36 -2.53
N GLU A 111 16.65 5.93 -1.76
CA GLU A 111 17.91 6.40 -2.36
C GLU A 111 18.95 5.31 -2.66
N LYS A 112 19.02 4.25 -1.84
CA LYS A 112 20.13 3.28 -1.95
C LYS A 112 19.76 1.92 -2.53
N THR A 113 18.49 1.67 -2.79
CA THR A 113 18.08 0.35 -3.31
C THR A 113 17.26 0.43 -4.57
N PRO A 114 17.09 -0.72 -5.23
CA PRO A 114 16.20 -0.74 -6.37
C PRO A 114 14.73 -1.02 -5.98
N HIS A 115 14.40 -0.87 -4.70
CA HIS A 115 13.06 -1.20 -4.14
C HIS A 115 12.44 0.09 -3.57
N CYS A 116 11.20 0.02 -3.10
CA CYS A 116 10.51 1.19 -2.55
CA CYS A 116 10.52 1.20 -2.53
C CYS A 116 9.86 0.90 -1.19
N PHE A 117 9.91 -0.35 -0.76
CA PHE A 117 9.27 -0.78 0.48
C PHE A 117 9.99 -2.00 1.02
N LEU A 118 10.42 -1.94 2.27
CA LEU A 118 10.99 -3.09 2.99
C LEU A 118 10.33 -3.25 4.37
N THR A 119 10.40 -4.46 4.91
CA THR A 119 9.70 -4.77 6.15
C THR A 119 10.54 -5.58 7.13
N ASP A 120 10.30 -5.37 8.42
CA ASP A 120 10.78 -6.23 9.54
C ASP A 120 12.25 -6.75 9.45
N GLN A 121 12.42 -8.06 9.24
CA GLN A 121 13.79 -8.66 9.22
C GLN A 121 14.67 -8.05 8.12
N GLY A 122 14.11 -7.96 6.92
CA GLY A 122 14.79 -7.36 5.80
C GLY A 122 15.03 -5.88 6.01
N ALA A 123 14.07 -5.21 6.66
CA ALA A 123 14.22 -3.82 7.03
C ALA A 123 15.48 -3.64 7.83
N ALA A 124 15.67 -4.52 8.82
CA ALA A 124 16.76 -4.40 9.76
C ALA A 124 18.09 -4.76 9.10
N GLN A 125 18.13 -5.85 8.35
CA GLN A 125 19.37 -6.18 7.62
C GLN A 125 19.91 -4.98 6.85
N PHE A 126 19.06 -4.34 6.03
CA PHE A 126 19.45 -3.12 5.28
C PHE A 126 19.84 -1.95 6.20
N ALA A 127 19.16 -1.83 7.34
CA ALA A 127 19.51 -0.84 8.36
C ALA A 127 20.97 -1.03 8.78
N ALA A 128 21.28 -2.21 9.32
CA ALA A 128 22.64 -2.52 9.78
C ALA A 128 23.66 -2.26 8.69
N ALA A 129 23.38 -2.69 7.45
CA ALA A 129 24.28 -2.40 6.36
C ALA A 129 24.58 -0.90 6.28
N MET A 130 23.55 -0.05 6.21
CA MET A 130 23.73 1.42 6.09
C MET A 130 24.27 2.11 7.35
N GLY A 131 24.51 1.36 8.42
CA GLY A 131 25.20 1.90 9.58
C GLY A 131 24.24 2.50 10.59
N VAL A 132 22.96 2.48 10.27
CA VAL A 132 21.92 2.93 11.21
C VAL A 132 22.14 2.23 12.55
N PRO A 133 22.29 2.99 13.66
CA PRO A 133 22.63 2.25 14.87
C PRO A 133 21.51 1.36 15.37
N GLU A 134 21.87 0.44 16.27
CA GLU A 134 20.89 -0.36 16.98
C GLU A 134 20.76 0.17 18.40
N ILE A 135 19.54 0.53 18.81
CA ILE A 135 19.27 1.01 20.15
C ILE A 135 18.29 0.06 20.84
N PRO A 136 18.51 -0.24 22.14
CA PRO A 136 17.54 -1.09 22.86
C PRO A 136 16.13 -0.53 22.74
N GLY A 137 15.21 -1.39 22.29
CA GLY A 137 13.83 -1.00 22.06
C GLY A 137 13.27 -0.23 23.25
N GLU A 138 13.75 -0.61 24.44
CA GLU A 138 13.36 0.04 25.69
C GLU A 138 13.48 1.56 25.64
N LYS A 139 14.54 2.06 25.02
CA LYS A 139 14.77 3.50 24.92
C LYS A 139 13.74 4.29 24.06
N LEU A 140 12.80 3.58 23.44
CA LEU A 140 11.67 4.18 22.69
C LEU A 140 10.40 4.09 23.52
N VAL A 141 10.47 3.32 24.61
CA VAL A 141 9.31 3.08 25.46
C VAL A 141 9.13 4.22 26.46
N THR A 142 7.97 4.88 26.40
CA THR A 142 7.62 5.90 27.40
C THR A 142 6.60 5.38 28.40
N GLU A 143 6.74 5.80 29.66
CA GLU A 143 5.83 5.39 30.73
C GLU A 143 4.37 5.72 30.38
N ARG A 144 4.19 6.71 29.50
CA ARG A 144 2.85 7.05 29.02
C ARG A 144 2.23 5.87 28.27
N ASN A 145 2.91 5.45 27.19
CA ASN A 145 2.44 4.33 26.36
C ASN A 145 2.51 3.00 27.10
N LYS A 146 3.36 2.94 28.13
CA LYS A 146 3.46 1.82 29.05
C LYS A 146 2.16 1.67 29.81
N LYS A 147 1.80 2.73 30.50
CA LYS A 147 0.51 2.84 31.18
C LYS A 147 -0.64 2.57 30.21
N ARG A 148 -0.64 3.25 29.05
CA ARG A 148 -1.71 3.10 28.06
C ARG A 148 -1.93 1.66 27.57
N LEU A 149 -0.87 0.86 27.52
CA LEU A 149 -0.95 -0.53 27.04
C LEU A 149 -1.46 -1.50 28.10
N GLU A 150 -1.04 -1.32 29.36
CA GLU A 150 -1.63 -2.08 30.46
C GLU A 150 -3.14 -1.82 30.57
N LYS A 151 -3.55 -0.56 30.45
CA LYS A 151 -4.97 -0.18 30.49
C LYS A 151 -5.76 -0.64 29.27
N GLU A 152 -5.18 -0.52 28.08
CA GLU A 152 -5.85 -0.91 26.83
C GLU A 152 -6.25 -2.38 26.81
N LYS A 153 -5.37 -3.22 27.32
CA LYS A 153 -5.62 -4.65 27.45
C LYS A 153 -6.76 -4.95 28.43
N HIS A 154 -6.80 -4.24 29.56
CA HIS A 154 -7.86 -4.47 30.57
C HIS A 154 -8.61 -3.18 30.94
N THR A 169 0.86 9.05 15.20
CA THR A 169 1.18 9.12 13.78
C THR A 169 1.66 10.51 13.47
N VAL A 170 2.55 11.00 12.70
CA VAL A 170 3.30 12.22 12.30
C VAL A 170 3.54 12.26 10.79
N GLY A 171 3.54 13.47 10.25
CA GLY A 171 3.63 13.61 8.79
C GLY A 171 3.79 15.05 8.38
N ALA A 172 4.32 15.23 7.17
CA ALA A 172 4.50 16.57 6.60
C ALA A 172 4.31 16.56 5.08
N VAL A 173 3.85 17.70 4.55
CA VAL A 173 3.89 17.95 3.12
C VAL A 173 4.74 19.21 2.88
N ALA A 174 5.45 19.26 1.76
CA ALA A 174 6.23 20.44 1.43
C ALA A 174 6.05 20.81 -0.05
N LEU A 175 6.06 22.13 -0.34
CA LEU A 175 6.30 22.65 -1.71
C LEU A 175 7.55 23.50 -1.69
N ASP A 176 8.50 23.20 -2.58
CA ASP A 176 9.77 23.91 -2.51
C ASP A 176 9.98 24.98 -3.58
N CYS A 177 11.10 25.68 -3.46
CA CYS A 177 11.42 26.82 -4.33
C CYS A 177 11.79 26.36 -5.74
N LYS A 178 11.92 25.05 -5.93
CA LYS A 178 12.06 24.47 -7.27
C LYS A 178 10.72 23.96 -7.85
N GLY A 179 9.63 24.13 -7.09
CA GLY A 179 8.33 23.58 -7.50
C GLY A 179 8.10 22.12 -7.09
N ASN A 180 9.07 21.49 -6.44
CA ASN A 180 8.89 20.07 -6.04
C ASN A 180 7.96 19.87 -4.84
N VAL A 181 7.05 18.91 -4.92
CA VAL A 181 6.29 18.52 -3.73
C VAL A 181 6.84 17.17 -3.16
N ALA A 182 6.52 16.89 -1.88
CA ALA A 182 6.88 15.65 -1.22
C ALA A 182 5.97 15.41 0.00
N TYR A 183 5.92 14.17 0.47
CA TYR A 183 5.41 13.84 1.82
C TYR A 183 6.34 12.85 2.51
N ALA A 184 6.23 12.83 3.84
CA ALA A 184 6.84 11.81 4.68
C ALA A 184 5.82 11.53 5.77
N THR A 185 5.70 10.26 6.19
CA THR A 185 4.78 9.82 7.25
C THR A 185 5.46 8.70 8.06
N SER A 186 5.44 8.81 9.40
CA SER A 186 5.95 7.78 10.34
C SER A 186 5.03 7.59 11.58
N THR A 187 5.04 6.40 12.16
CA THR A 187 4.07 6.07 13.21
C THR A 187 4.55 4.91 14.06
N GLY A 188 4.01 4.79 15.28
CA GLY A 188 4.04 3.51 15.99
C GLY A 188 2.77 2.67 15.82
N GLY A 189 1.72 3.26 15.26
CA GLY A 189 0.47 2.52 14.97
C GLY A 189 -0.65 2.69 16.00
N ILE A 190 -1.55 1.71 16.11
CA ILE A 190 -2.62 1.74 17.13
C ILE A 190 -2.11 0.93 18.34
N VAL A 191 -2.43 1.40 19.55
CA VAL A 191 -1.96 0.75 20.79
C VAL A 191 -2.48 -0.68 20.92
N ASN A 192 -1.58 -1.61 21.26
CA ASN A 192 -1.87 -3.04 21.43
C ASN A 192 -2.13 -3.82 20.13
N LYS A 193 -1.79 -3.22 19.00
CA LYS A 193 -1.87 -3.92 17.73
C LYS A 193 -1.27 -5.35 17.77
N MET A 194 -1.83 -6.22 16.95
CA MET A 194 -1.22 -7.52 16.78
C MET A 194 0.26 -7.34 16.43
N VAL A 195 1.08 -8.31 16.83
CA VAL A 195 2.45 -8.36 16.36
C VAL A 195 2.40 -8.24 14.83
N GLY A 196 3.27 -7.39 14.30
CA GLY A 196 3.38 -7.14 12.87
C GLY A 196 2.15 -6.62 12.17
N ARG A 197 1.24 -5.96 12.91
CA ARG A 197 0.20 -5.22 12.21
C ARG A 197 0.90 -4.04 11.48
N VAL A 198 0.39 -3.70 10.30
CA VAL A 198 0.94 -2.68 9.43
C VAL A 198 -0.23 -1.84 9.00
N GLY A 199 -0.15 -0.54 9.32
CA GLY A 199 -1.20 0.38 9.00
C GLY A 199 -0.98 0.97 7.63
N ASP A 200 -1.63 2.11 7.41
CA ASP A 200 -1.44 2.91 6.18
C ASP A 200 -0.05 3.52 6.02
N SER A 201 0.54 4.00 7.11
CA SER A 201 1.65 4.97 7.06
C SER A 201 2.87 4.55 6.22
N PRO A 202 3.04 3.24 5.91
CA PRO A 202 4.07 2.93 4.89
C PRO A 202 3.56 2.58 3.50
N CYS A 203 2.25 2.73 3.26
CA CYS A 203 1.62 2.37 1.97
C CYS A 203 1.33 3.58 1.06
N LEU A 204 2.00 3.68 -0.09
CA LEU A 204 1.78 4.82 -0.97
C LEU A 204 0.33 4.87 -1.43
N GLY A 205 -0.28 6.05 -1.40
CA GLY A 205 -1.69 6.21 -1.68
C GLY A 205 -2.56 6.30 -0.43
N ALA A 206 -2.11 5.65 0.65
CA ALA A 206 -2.90 5.53 1.87
C ALA A 206 -2.32 6.53 2.87
N GLY A 207 -1.21 6.16 3.51
CA GLY A 207 -0.44 7.05 4.38
C GLY A 207 0.04 8.37 3.79
N GLY A 208 -0.01 8.47 2.45
CA GLY A 208 0.37 9.68 1.71
C GLY A 208 0.65 9.44 0.21
N TYR A 209 0.76 10.54 -0.53
CA TYR A 209 1.13 10.53 -1.95
C TYR A 209 1.73 11.89 -2.37
N ALA A 210 2.79 11.86 -3.18
CA ALA A 210 3.33 13.10 -3.73
C ALA A 210 3.40 13.02 -5.25
N ASP A 211 2.89 14.07 -5.92
CA ASP A 211 2.95 14.20 -7.39
C ASP A 211 3.21 15.67 -7.75
N ASN A 212 4.29 15.93 -8.46
CA ASN A 212 4.66 17.30 -8.86
C ASN A 212 3.60 17.95 -9.71
N ASP A 213 2.83 17.13 -10.40
CA ASP A 213 1.74 17.63 -11.26
C ASP A 213 0.36 17.75 -10.63
N ILE A 214 0.20 17.48 -9.32
CA ILE A 214 -1.13 17.68 -8.66
C ILE A 214 -0.96 18.31 -7.28
N GLY A 215 -0.26 17.59 -6.40
CA GLY A 215 -0.06 18.01 -5.03
C GLY A 215 0.57 16.92 -4.19
N ALA A 216 0.62 17.16 -2.88
CA ALA A 216 1.07 16.18 -1.93
C ALA A 216 0.16 16.15 -0.69
N VAL A 217 0.01 14.96 -0.11
CA VAL A 217 -0.96 14.68 0.95
C VAL A 217 -0.29 13.76 1.96
N SER A 218 -0.50 14.03 3.25
CA SER A 218 -0.09 13.12 4.31
C SER A 218 -1.31 12.98 5.24
N THR A 219 -1.62 11.75 5.65
CA THR A 219 -2.88 11.49 6.34
C THR A 219 -2.63 10.84 7.68
N THR A 220 -3.70 10.68 8.46
CA THR A 220 -3.59 10.16 9.82
C THR A 220 -4.91 9.62 10.40
N GLY A 221 -4.83 8.85 11.49
CA GLY A 221 -5.99 8.29 12.18
C GLY A 221 -6.03 6.77 12.13
N HIS A 222 -7.18 6.21 11.78
CA HIS A 222 -7.34 4.74 11.72
C HIS A 222 -6.76 4.08 10.46
N GLY A 223 -5.58 3.49 10.57
CA GLY A 223 -4.88 2.95 9.40
C GLY A 223 -5.59 1.91 8.54
N GLU A 224 -6.48 1.13 9.15
CA GLU A 224 -7.29 0.16 8.40
C GLU A 224 -8.26 0.79 7.40
N SER A 225 -8.91 1.90 7.82
CA SER A 225 -9.88 2.66 7.01
C SER A 225 -9.21 3.45 5.87
N ILE A 226 -8.12 4.14 6.22
CA ILE A 226 -7.28 4.91 5.30
C ILE A 226 -6.85 4.07 4.06
N LEU A 227 -6.32 2.88 4.34
CA LEU A 227 -6.00 1.84 3.33
C LEU A 227 -7.14 1.39 2.41
N LYS A 228 -8.37 1.36 2.92
CA LYS A 228 -9.49 0.89 2.08
C LYS A 228 -10.01 1.92 1.10
N VAL A 229 -10.06 3.19 1.52
CA VAL A 229 -10.49 4.30 0.67
C VAL A 229 -9.32 4.95 -0.08
N ASN A 230 -8.10 4.50 0.23
CA ASN A 230 -6.89 4.91 -0.50
C ASN A 230 -6.72 6.44 -0.32
N LEU A 231 -6.83 6.89 0.93
CA LEU A 231 -7.29 8.23 1.27
C LEU A 231 -6.50 9.36 0.65
N ALA A 232 -5.18 9.25 0.72
CA ALA A 232 -4.30 10.31 0.23
C ALA A 232 -4.50 10.54 -1.27
N ARG A 233 -4.47 9.44 -2.02
CA ARG A 233 -4.68 9.45 -3.49
C ARG A 233 -6.14 9.74 -3.84
N LEU A 234 -7.07 9.39 -2.95
CA LEU A 234 -8.44 9.81 -3.14
C LEU A 234 -8.51 11.33 -3.12
N THR A 235 -7.79 11.94 -2.19
CA THR A 235 -7.85 13.38 -2.02
C THR A 235 -7.34 14.08 -3.28
N LEU A 236 -6.28 13.52 -3.86
CA LEU A 236 -5.72 14.05 -5.11
C LEU A 236 -6.53 13.86 -6.41
N PHE A 237 -7.35 12.81 -6.54
CA PHE A 237 -8.29 12.66 -7.68
CA PHE A 237 -8.27 12.71 -7.66
C PHE A 237 -9.31 13.81 -7.60
N HIS A 238 -9.73 14.14 -6.37
CA HIS A 238 -10.67 15.22 -6.14
C HIS A 238 -10.11 16.56 -6.57
N ILE A 239 -8.83 16.82 -6.29
CA ILE A 239 -8.16 18.01 -6.82
C ILE A 239 -8.11 17.92 -8.35
N GLU A 240 -7.63 16.81 -8.89
CA GLU A 240 -7.64 16.62 -10.35
C GLU A 240 -8.96 16.99 -11.04
N GLN A 241 -10.08 16.91 -10.30
CA GLN A 241 -11.39 17.30 -10.84
C GLN A 241 -11.70 18.79 -10.56
N GLY A 242 -10.67 19.53 -10.14
CA GLY A 242 -10.77 20.95 -9.88
C GLY A 242 -11.51 21.28 -8.60
N LYS A 243 -11.44 20.39 -7.61
CA LYS A 243 -11.88 20.78 -6.28
C LYS A 243 -10.73 21.50 -5.61
N THR A 244 -11.05 22.58 -4.88
CA THR A 244 -10.06 23.30 -4.10
C THR A 244 -9.55 22.30 -3.09
N VAL A 245 -8.40 22.57 -2.48
CA VAL A 245 -7.79 21.65 -1.51
C VAL A 245 -8.69 21.38 -0.30
N GLU A 246 -9.55 22.34 0.04
CA GLU A 246 -10.47 22.18 1.14
C GLU A 246 -11.63 21.25 0.75
N GLU A 247 -12.29 21.49 -0.37
CA GLU A 247 -13.40 20.62 -0.78
C GLU A 247 -12.92 19.17 -0.99
N ALA A 248 -11.64 19.03 -1.35
CA ALA A 248 -11.04 17.75 -1.69
C ALA A 248 -10.78 16.92 -0.42
N ALA A 249 -10.28 17.60 0.60
CA ALA A 249 -10.15 17.01 1.91
C ALA A 249 -11.55 16.61 2.46
N ASP A 250 -12.52 17.49 2.31
CA ASP A 250 -13.82 17.26 2.94
C ASP A 250 -14.63 16.11 2.35
N LEU A 251 -14.57 15.92 1.04
CA LEU A 251 -15.25 14.80 0.37
C LEU A 251 -14.56 13.46 0.64
N SER A 252 -13.22 13.44 0.53
CA SER A 252 -12.43 12.22 0.73
C SER A 252 -12.42 11.81 2.18
N LEU A 253 -12.45 12.77 3.08
CA LEU A 253 -12.70 12.44 4.48
C LEU A 253 -14.17 12.09 4.61
N GLY A 254 -15.05 12.89 3.98
CA GLY A 254 -16.50 12.59 4.01
C GLY A 254 -16.82 11.17 3.56
N TYR A 255 -16.11 10.71 2.53
CA TYR A 255 -16.33 9.38 2.00
C TYR A 255 -15.85 8.24 2.91
N MET A 256 -14.67 8.36 3.51
CA MET A 256 -14.14 7.31 4.45
C MET A 256 -15.13 7.07 5.60
N LYS A 257 -15.60 8.17 6.18
CA LYS A 257 -16.57 8.21 7.27
C LYS A 257 -17.81 7.35 6.99
N SER A 258 -18.44 7.56 5.84
CA SER A 258 -19.69 6.86 5.53
C SER A 258 -19.48 5.43 5.04
N ARG A 259 -18.49 5.22 4.16
CA ARG A 259 -18.29 3.93 3.51
C ARG A 259 -17.66 2.86 4.40
N VAL A 260 -16.62 3.23 5.16
CA VAL A 260 -16.01 2.28 6.09
C VAL A 260 -16.13 2.74 7.55
N LYS A 261 -16.77 3.89 7.76
CA LYS A 261 -16.99 4.47 9.09
C LYS A 261 -15.65 4.84 9.73
N GLY A 262 -14.70 5.25 8.90
CA GLY A 262 -13.40 5.65 9.40
C GLY A 262 -13.29 7.13 9.66
N LEU A 263 -12.45 7.45 10.64
CA LEU A 263 -12.15 8.82 11.01
C LEU A 263 -10.64 9.00 10.99
N GLY A 264 -10.21 10.17 10.54
CA GLY A 264 -8.81 10.54 10.65
C GLY A 264 -8.63 12.01 10.31
N GLY A 265 -7.50 12.34 9.73
CA GLY A 265 -7.26 13.71 9.27
C GLY A 265 -6.18 13.75 8.23
N LEU A 266 -5.98 14.90 7.59
CA LEU A 266 -4.85 15.00 6.67
C LEU A 266 -4.30 16.42 6.59
N ILE A 267 -3.16 16.54 5.91
CA ILE A 267 -2.62 17.80 5.50
C ILE A 267 -2.37 17.66 3.99
N VAL A 268 -2.65 18.72 3.23
CA VAL A 268 -2.53 18.66 1.75
C VAL A 268 -2.00 19.99 1.22
N VAL A 269 -1.16 19.92 0.19
CA VAL A 269 -0.57 21.07 -0.51
C VAL A 269 -0.70 20.86 -2.02
N SER A 270 -1.19 21.90 -2.69
CA SER A 270 -1.34 21.89 -4.14
C SER A 270 -0.03 22.28 -4.81
N LYS A 271 0.14 21.91 -6.08
CA LYS A 271 1.32 22.29 -6.86
C LYS A 271 1.52 23.82 -6.93
N THR A 272 0.47 24.57 -6.61
CA THR A 272 0.53 26.04 -6.69
C THR A 272 0.75 26.74 -5.33
N GLY A 273 0.76 26.00 -4.23
CA GLY A 273 1.02 26.59 -2.92
C GLY A 273 -0.16 26.72 -1.96
N ASP A 274 -1.36 26.42 -2.47
CA ASP A 274 -2.54 26.27 -1.61
C ASP A 274 -2.39 25.03 -0.73
N TRP A 275 -2.93 25.10 0.48
CA TRP A 275 -2.72 24.06 1.49
C TRP A 275 -3.86 24.04 2.47
N VAL A 276 -4.05 22.90 3.14
CA VAL A 276 -5.09 22.78 4.19
C VAL A 276 -4.78 21.67 5.23
N ALA A 277 -5.35 21.85 6.41
CA ALA A 277 -5.47 20.81 7.39
C ALA A 277 -6.97 20.66 7.71
N LYS A 278 -7.52 19.48 7.44
CA LYS A 278 -8.83 19.07 7.95
C LYS A 278 -8.66 17.75 8.67
N TRP A 279 -9.65 17.44 9.50
CA TRP A 279 -9.72 16.15 10.19
C TRP A 279 -11.16 15.86 10.57
N THR A 280 -11.47 14.59 10.73
CA THR A 280 -12.79 14.17 11.17
C THR A 280 -12.75 13.56 12.58
N SER A 281 -11.59 13.11 13.05
CA SER A 281 -11.44 12.81 14.48
C SER A 281 -11.72 14.10 15.31
N THR A 282 -11.61 14.05 16.63
CA THR A 282 -11.83 15.28 17.44
C THR A 282 -10.74 16.36 17.27
N SER A 283 -9.49 15.92 17.41
CA SER A 283 -8.32 16.79 17.33
CA SER A 283 -8.33 16.81 17.31
C SER A 283 -7.31 16.30 16.29
N MET A 284 -6.46 17.22 15.84
CA MET A 284 -5.25 16.89 15.06
C MET A 284 -4.23 18.00 15.21
N PRO A 285 -3.12 17.73 15.90
CA PRO A 285 -2.03 18.71 15.85
C PRO A 285 -1.55 18.95 14.41
N TRP A 286 -1.42 20.22 14.05
CA TRP A 286 -0.90 20.62 12.76
C TRP A 286 -0.22 22.00 12.92
N ALA A 287 0.72 22.30 12.04
CA ALA A 287 1.30 23.63 11.96
C ALA A 287 1.71 23.83 10.51
N ALA A 288 1.90 25.08 10.09
CA ALA A 288 2.28 25.38 8.70
C ALA A 288 3.13 26.66 8.64
N ALA A 289 4.21 26.64 7.85
CA ALA A 289 5.05 27.84 7.66
C ALA A 289 5.15 28.17 6.17
N LYS A 290 4.65 29.37 5.84
CA LYS A 290 4.68 29.94 4.50
C LYS A 290 4.72 31.46 4.64
N ASP A 291 5.28 32.13 3.62
CA ASP A 291 5.33 33.60 3.54
C ASP A 291 5.82 34.30 4.82
N GLY A 292 6.76 33.67 5.50
CA GLY A 292 7.33 34.24 6.73
C GLY A 292 6.55 34.07 8.03
N LYS A 293 5.40 33.41 7.98
CA LYS A 293 4.55 33.22 9.17
C LYS A 293 4.43 31.73 9.54
N LEU A 294 3.94 31.45 10.76
CA LEU A 294 3.52 30.13 11.21
C LEU A 294 2.01 30.14 11.46
N HIS A 295 1.36 29.05 11.06
CA HIS A 295 -0.06 28.79 11.34
C HIS A 295 -0.07 27.50 12.16
N PHE A 296 -0.86 27.48 13.24
CA PHE A 296 -0.86 26.33 14.15
C PHE A 296 -2.25 25.98 14.63
N GLY A 297 -2.49 24.70 14.87
CA GLY A 297 -3.72 24.28 15.54
C GLY A 297 -3.74 22.91 16.15
N ILE A 298 -4.81 22.67 16.91
CA ILE A 298 -5.14 21.36 17.47
C ILE A 298 -6.65 21.13 17.27
N ASP A 299 -7.43 22.19 17.53
CA ASP A 299 -8.89 22.14 17.49
C ASP A 299 -9.42 22.83 16.24
N PRO A 300 -10.67 22.50 15.83
CA PRO A 300 -11.25 23.25 14.72
C PRO A 300 -11.25 24.76 15.00
N ASP A 301 -10.61 25.52 14.11
CA ASP A 301 -10.50 26.98 14.23
C ASP A 301 -10.06 27.48 15.62
N ASP A 302 -9.03 26.85 16.21
CA ASP A 302 -8.42 27.34 17.44
C ASP A 302 -7.12 28.07 17.09
N THR A 303 -6.95 28.36 15.80
CA THR A 303 -5.69 28.80 15.21
C THR A 303 -5.12 30.08 15.80
N THR A 304 -3.80 30.11 15.91
CA THR A 304 -3.06 31.32 16.20
C THR A 304 -2.03 31.48 15.08
N ILE A 305 -2.19 32.55 14.30
CA ILE A 305 -1.22 32.92 13.27
C ILE A 305 -0.23 33.95 13.82
N THR A 306 1.01 33.54 14.01
CA THR A 306 2.05 34.47 14.49
C THR A 306 3.04 34.76 13.37
N ASP A 307 4.03 35.59 13.69
CA ASP A 307 5.15 35.84 12.82
C ASP A 307 6.30 34.94 13.19
N LEU A 308 7.12 34.64 12.19
CA LEU A 308 8.18 33.70 12.33
C LEU A 308 9.48 34.43 11.95
N PRO A 309 10.47 34.48 12.88
CA PRO A 309 11.73 35.19 12.61
C PRO A 309 12.50 34.69 11.38
N HIS B 1 -30.41 -10.85 -10.98
CA HIS B 1 -29.15 -11.47 -10.54
C HIS B 1 -28.27 -11.59 -11.76
N MET B 2 -27.06 -11.07 -11.64
CA MET B 2 -26.20 -10.86 -12.77
C MET B 2 -25.46 -12.12 -13.19
N ASN B 3 -24.96 -12.11 -14.41
CA ASN B 3 -24.21 -13.22 -14.97
C ASN B 3 -22.79 -13.25 -14.40
N PRO B 4 -22.42 -14.34 -13.70
CA PRO B 4 -21.11 -14.28 -13.07
C PRO B 4 -19.90 -14.39 -13.99
N ILE B 5 -18.76 -14.00 -13.46
CA ILE B 5 -17.54 -13.88 -14.24
C ILE B 5 -16.38 -13.97 -13.27
N VAL B 6 -15.39 -14.75 -13.65
CA VAL B 6 -14.10 -14.72 -13.03
C VAL B 6 -13.09 -14.45 -14.15
N VAL B 7 -12.12 -13.59 -13.87
CA VAL B 7 -10.95 -13.52 -14.74
C VAL B 7 -9.72 -13.97 -13.97
N VAL B 8 -8.75 -14.54 -14.68
CA VAL B 8 -7.52 -15.04 -14.07
C VAL B 8 -6.30 -14.59 -14.92
N HIS B 9 -5.25 -14.06 -14.28
CA HIS B 9 -3.96 -13.78 -14.94
C HIS B 9 -2.78 -14.49 -14.26
N GLY B 10 -1.66 -14.69 -14.98
N GLY B 10 -1.81 -14.82 -15.11
CA GLY B 10 -0.48 -15.42 -14.40
CA GLY B 10 -0.50 -15.13 -14.65
C GLY B 10 0.97 -14.92 -14.49
C GLY B 10 0.21 -13.81 -14.65
N GLY B 11 1.26 -13.77 -13.87
CA GLY B 11 2.44 -12.91 -14.10
C GLY B 11 2.61 -12.36 -15.50
N GLY B 12 2.84 -11.04 -15.59
CA GLY B 12 3.08 -10.37 -16.86
C GLY B 12 4.53 -9.95 -17.07
N ALA B 13 5.28 -10.76 -17.81
CA ALA B 13 6.72 -10.58 -18.05
C ALA B 13 7.16 -10.88 -19.51
N GLY B 14 8.44 -11.16 -19.71
CA GLY B 14 9.02 -11.41 -21.04
C GLY B 14 8.52 -12.69 -21.71
N PRO B 15 8.97 -12.95 -22.94
CA PRO B 15 8.47 -14.11 -23.67
C PRO B 15 8.82 -15.43 -22.99
N ILE B 16 7.94 -16.42 -23.16
CA ILE B 16 8.02 -17.70 -22.43
C ILE B 16 8.39 -18.86 -23.35
N SER B 17 9.02 -19.90 -22.80
CA SER B 17 9.41 -21.10 -23.55
C SER B 17 8.20 -21.78 -24.17
N LYS B 18 8.22 -21.96 -25.49
CA LYS B 18 7.06 -22.48 -26.25
C LYS B 18 6.42 -23.81 -25.77
N ASP B 19 7.24 -24.69 -25.18
CA ASP B 19 6.75 -25.96 -24.61
C ASP B 19 6.02 -25.71 -23.28
N ARG B 20 6.64 -24.87 -22.46
CA ARG B 20 6.14 -24.48 -21.14
C ARG B 20 4.77 -23.82 -21.24
N LYS B 21 4.45 -23.29 -22.42
CA LYS B 21 3.18 -22.61 -22.66
C LYS B 21 1.98 -23.53 -22.52
N GLU B 22 2.14 -24.79 -22.89
CA GLU B 22 1.06 -25.75 -22.75
C GLU B 22 0.78 -25.93 -21.27
N ARG B 23 1.86 -26.04 -20.50
CA ARG B 23 1.74 -26.20 -19.04
C ARG B 23 1.14 -24.93 -18.43
N VAL B 24 1.55 -23.76 -18.93
CA VAL B 24 0.96 -22.49 -18.48
C VAL B 24 -0.51 -22.40 -18.91
N HIS B 25 -0.80 -22.72 -20.17
CA HIS B 25 -2.19 -22.76 -20.66
C HIS B 25 -3.14 -23.59 -19.76
N GLN B 26 -2.77 -24.82 -19.45
CA GLN B 26 -3.59 -25.72 -18.63
C GLN B 26 -3.74 -25.23 -17.20
N GLY B 27 -2.76 -24.46 -16.71
CA GLY B 27 -2.81 -23.87 -15.38
C GLY B 27 -3.83 -22.74 -15.27
N MET B 28 -3.88 -21.88 -16.30
CA MET B 28 -4.86 -20.80 -16.41
C MET B 28 -6.28 -21.32 -16.46
N VAL B 29 -6.51 -22.28 -17.36
CA VAL B 29 -7.80 -22.97 -17.50
C VAL B 29 -8.27 -23.50 -16.14
N ARG B 30 -7.39 -24.24 -15.45
CA ARG B 30 -7.70 -24.87 -14.16
C ARG B 30 -8.18 -23.87 -13.11
N ALA B 31 -7.43 -22.78 -12.93
CA ALA B 31 -7.78 -21.69 -12.01
C ALA B 31 -9.13 -21.05 -12.35
N ALA B 32 -9.28 -20.67 -13.62
CA ALA B 32 -10.55 -20.18 -14.14
C ALA B 32 -11.74 -21.11 -13.83
N THR B 33 -11.59 -22.39 -14.14
CA THR B 33 -12.68 -23.38 -14.00
C THR B 33 -13.00 -23.61 -12.54
N VAL B 34 -11.96 -23.65 -11.70
CA VAL B 34 -12.14 -23.74 -10.25
C VAL B 34 -12.87 -22.48 -9.77
N GLY B 35 -12.36 -21.31 -10.15
CA GLY B 35 -13.02 -20.04 -9.85
C GLY B 35 -14.46 -19.99 -10.32
N TYR B 36 -14.66 -20.44 -11.55
CA TYR B 36 -15.99 -20.48 -12.15
C TYR B 36 -16.88 -21.54 -11.50
N GLY B 37 -16.27 -22.66 -11.10
CA GLY B 37 -16.96 -23.77 -10.44
C GLY B 37 -17.53 -23.35 -9.10
N ILE B 38 -16.94 -22.29 -8.55
CA ILE B 38 -17.26 -21.74 -7.25
C ILE B 38 -18.36 -20.71 -7.39
N LEU B 39 -18.35 -19.98 -8.51
CA LEU B 39 -19.47 -19.11 -8.83
C LEU B 39 -20.69 -19.97 -9.17
N ARG B 40 -20.49 -21.00 -10.00
CA ARG B 40 -21.57 -21.92 -10.45
C ARG B 40 -22.56 -22.34 -9.37
N GLU B 41 -22.07 -22.58 -8.16
CA GLU B 41 -22.92 -22.93 -7.04
C GLU B 41 -23.39 -21.67 -6.28
N GLY B 42 -23.63 -20.58 -7.02
CA GLY B 42 -24.00 -19.28 -6.46
C GLY B 42 -23.05 -18.71 -5.39
N GLY B 43 -21.79 -19.13 -5.44
CA GLY B 43 -20.75 -18.76 -4.45
C GLY B 43 -20.22 -17.34 -4.61
N SER B 44 -19.73 -16.75 -3.54
CA SER B 44 -19.43 -15.29 -3.57
C SER B 44 -18.24 -14.88 -4.45
N ALA B 45 -18.25 -13.60 -4.85
CA ALA B 45 -17.11 -13.01 -5.54
C ALA B 45 -15.84 -13.21 -4.69
N VAL B 46 -15.94 -13.04 -3.37
CA VAL B 46 -14.77 -13.32 -2.48
C VAL B 46 -14.35 -14.80 -2.44
N ASP B 47 -15.32 -15.72 -2.40
CA ASP B 47 -15.02 -17.16 -2.36
C ASP B 47 -14.20 -17.54 -3.58
N ALA B 48 -14.62 -16.97 -4.71
CA ALA B 48 -14.16 -17.37 -6.05
C ALA B 48 -12.73 -16.99 -6.38
N VAL B 49 -12.36 -15.71 -6.18
CA VAL B 49 -10.97 -15.22 -6.43
C VAL B 49 -9.94 -15.99 -5.60
N GLU B 50 -10.30 -16.28 -4.36
CA GLU B 50 -9.42 -17.01 -3.45
C GLU B 50 -9.16 -18.43 -3.94
N GLY B 51 -10.19 -19.13 -4.42
CA GLY B 51 -10.04 -20.52 -4.90
C GLY B 51 -9.21 -20.60 -6.19
N ALA B 52 -9.44 -19.67 -7.09
CA ALA B 52 -8.66 -19.56 -8.32
C ALA B 52 -7.17 -19.36 -7.94
N VAL B 53 -6.89 -18.36 -7.11
CA VAL B 53 -5.52 -18.05 -6.70
C VAL B 53 -4.85 -19.19 -5.89
N VAL B 54 -5.60 -19.89 -5.02
CA VAL B 54 -5.07 -21.08 -4.32
C VAL B 54 -4.48 -22.08 -5.33
N ALA B 55 -5.26 -22.39 -6.36
CA ALA B 55 -4.78 -23.30 -7.41
C ALA B 55 -3.43 -22.87 -8.05
N LEU B 56 -3.28 -21.59 -8.39
CA LEU B 56 -2.04 -21.09 -9.04
C LEU B 56 -0.82 -21.06 -8.12
N GLU B 57 -1.07 -20.85 -6.83
CA GLU B 57 0.02 -20.91 -5.85
C GLU B 57 0.60 -22.32 -5.92
N ASP B 58 -0.31 -23.30 -5.83
CA ASP B 58 -0.01 -24.75 -5.83
C ASP B 58 0.54 -25.26 -7.16
N ASP B 59 0.43 -24.42 -8.18
CA ASP B 59 0.91 -24.75 -9.51
C ASP B 59 2.31 -24.11 -9.67
N PRO B 60 3.37 -24.96 -9.76
CA PRO B 60 4.80 -24.60 -9.77
C PRO B 60 5.24 -23.89 -11.02
N GLU B 61 4.35 -23.83 -12.00
CA GLU B 61 4.60 -23.05 -13.20
C GLU B 61 4.35 -21.56 -12.97
N PHE B 62 3.83 -21.22 -11.78
CA PHE B 62 3.52 -19.83 -11.45
C PHE B 62 4.14 -19.35 -10.15
N ASN B 63 4.69 -18.13 -10.27
CA ASN B 63 5.44 -17.41 -9.25
C ASN B 63 4.56 -16.83 -8.12
N ALA B 64 3.89 -17.74 -7.44
CA ALA B 64 3.18 -17.49 -6.18
C ALA B 64 3.15 -18.89 -5.60
N GLY B 65 3.11 -18.97 -4.27
CA GLY B 65 3.26 -20.24 -3.57
C GLY B 65 4.35 -21.10 -4.21
N CYS B 66 4.02 -22.37 -4.46
CA CYS B 66 4.95 -23.28 -5.11
C CYS B 66 5.23 -22.80 -6.53
N GLY B 67 6.48 -22.43 -6.75
CA GLY B 67 6.91 -21.84 -8.00
C GLY B 67 7.39 -20.43 -7.76
N SER B 68 7.30 -19.98 -6.51
CA SER B 68 7.81 -18.64 -6.14
C SER B 68 9.27 -18.50 -6.54
N VAL B 69 9.59 -17.40 -7.22
CA VAL B 69 11.00 -17.03 -7.48
C VAL B 69 11.75 -16.78 -6.18
N LEU B 70 13.08 -16.70 -6.30
CA LEU B 70 13.97 -16.56 -5.15
C LEU B 70 14.43 -15.15 -4.84
N ASN B 71 14.66 -14.91 -3.55
CA ASN B 71 15.31 -13.68 -3.16
C ASN B 71 16.81 -13.90 -3.17
N THR B 72 17.52 -12.78 -3.14
CA THR B 72 18.96 -12.72 -3.17
C THR B 72 19.67 -13.80 -2.32
N ASN B 73 19.09 -14.17 -1.18
CA ASN B 73 19.60 -15.31 -0.41
C ASN B 73 18.97 -16.71 -0.72
N GLY B 74 18.43 -16.86 -1.94
CA GLY B 74 18.01 -18.18 -2.42
C GLY B 74 16.71 -18.72 -1.86
N GLU B 75 15.99 -17.89 -1.13
CA GLU B 75 14.80 -18.31 -0.38
C GLU B 75 13.50 -17.74 -0.97
N VAL B 76 12.37 -18.25 -0.50
CA VAL B 76 11.06 -17.81 -0.97
C VAL B 76 10.34 -16.94 0.09
N GLU B 77 10.12 -15.66 -0.22
CA GLU B 77 9.24 -14.78 0.59
C GLU B 77 8.08 -14.33 -0.29
N MET B 78 6.86 -14.36 0.23
CA MET B 78 5.68 -14.19 -0.63
C MET B 78 4.75 -13.09 -0.13
N ASP B 79 4.02 -12.44 -1.05
CA ASP B 79 3.08 -11.35 -0.73
C ASP B 79 1.68 -11.67 -1.24
N ALA B 80 0.62 -11.22 -0.53
CA ALA B 80 -0.75 -11.36 -1.02
C ALA B 80 -1.80 -10.39 -0.44
N SER B 81 -2.89 -10.24 -1.20
CA SER B 81 -4.08 -9.47 -0.76
C SER B 81 -5.42 -9.87 -1.39
N ILE B 82 -6.47 -9.60 -0.62
CA ILE B 82 -7.85 -9.90 -0.99
C ILE B 82 -8.72 -8.75 -0.51
N MET B 83 -9.79 -8.49 -1.27
CA MET B 83 -10.68 -7.41 -0.94
C MET B 83 -12.11 -7.76 -1.32
N ASP B 84 -13.01 -7.42 -0.40
CA ASP B 84 -14.45 -7.51 -0.58
C ASP B 84 -15.06 -6.19 -1.10
N GLY B 85 -15.59 -6.22 -2.33
CA GLY B 85 -16.16 -5.04 -2.97
C GLY B 85 -17.29 -4.34 -2.24
N LYS B 86 -18.01 -5.09 -1.42
CA LYS B 86 -19.26 -4.62 -0.85
C LYS B 86 -19.07 -3.51 0.17
N ASP B 87 -18.25 -3.75 1.19
CA ASP B 87 -17.91 -2.77 2.19
C ASP B 87 -16.42 -2.41 2.13
N LEU B 88 -15.77 -2.80 1.03
CA LEU B 88 -14.32 -2.54 0.82
C LEU B 88 -13.42 -3.19 1.89
N SER B 89 -13.91 -4.24 2.55
CA SER B 89 -13.16 -5.04 3.54
C SER B 89 -11.96 -5.77 2.89
N ALA B 90 -10.89 -6.01 3.66
CA ALA B 90 -9.61 -6.46 3.08
C ALA B 90 -8.61 -7.15 4.02
N GLY B 91 -7.71 -7.94 3.44
CA GLY B 91 -6.67 -8.65 4.18
C GLY B 91 -5.41 -8.86 3.36
N ALA B 92 -4.24 -8.80 4.00
CA ALA B 92 -2.99 -8.90 3.27
C ALA B 92 -1.85 -9.44 4.15
N VAL B 93 -0.95 -10.21 3.55
CA VAL B 93 0.33 -10.60 4.17
C VAL B 93 1.49 -10.26 3.24
N SER B 94 2.56 -9.75 3.83
CA SER B 94 3.80 -9.49 3.10
C SER B 94 4.97 -10.24 3.75
N ALA B 95 5.89 -10.73 2.92
CA ALA B 95 7.09 -11.41 3.40
C ALA B 95 6.81 -12.62 4.33
N VAL B 96 5.89 -13.49 3.91
CA VAL B 96 5.63 -14.75 4.61
C VAL B 96 6.50 -15.82 3.97
N GLN B 97 6.92 -16.79 4.77
CA GLN B 97 7.74 -17.93 4.34
C GLN B 97 7.19 -19.22 4.95
N CYS B 98 7.44 -20.34 4.27
CA CYS B 98 7.20 -21.69 4.80
C CYS B 98 5.73 -22.03 5.10
N ILE B 99 4.80 -21.36 4.44
CA ILE B 99 3.41 -21.84 4.40
C ILE B 99 3.06 -22.09 2.94
N ALA B 100 2.01 -22.87 2.71
CA ALA B 100 1.62 -23.26 1.34
C ALA B 100 0.85 -22.17 0.59
N ASN B 101 -0.11 -21.54 1.27
CA ASN B 101 -1.16 -20.75 0.60
C ASN B 101 -1.28 -19.27 1.09
N PRO B 102 -0.43 -18.35 0.58
CA PRO B 102 -0.58 -16.94 0.94
C PRO B 102 -1.97 -16.26 0.86
N ILE B 103 -2.73 -16.43 -0.23
CA ILE B 103 -4.09 -15.82 -0.36
C ILE B 103 -5.11 -16.14 0.74
N LYS B 104 -5.01 -17.35 1.32
CA LYS B 104 -5.89 -17.77 2.43
C LYS B 104 -5.50 -17.11 3.72
N LEU B 105 -4.19 -16.98 3.95
CA LEU B 105 -3.70 -16.22 5.11
C LEU B 105 -4.21 -14.79 5.04
N ALA B 106 -4.09 -14.16 3.88
CA ALA B 106 -4.68 -12.82 3.72
C ALA B 106 -6.16 -12.81 4.08
N ARG B 107 -6.92 -13.81 3.59
CA ARG B 107 -8.32 -13.94 3.97
C ARG B 107 -8.42 -14.15 5.49
N LEU B 108 -7.60 -15.04 6.07
CA LEU B 108 -7.50 -15.06 7.54
C LEU B 108 -7.18 -13.70 8.18
N VAL B 109 -6.32 -12.91 7.55
CA VAL B 109 -6.10 -11.53 8.04
C VAL B 109 -7.43 -10.76 7.94
N MET B 110 -8.06 -10.83 6.78
CA MET B 110 -9.30 -10.09 6.52
C MET B 110 -10.43 -10.34 7.53
N GLU B 111 -10.83 -11.60 7.73
CA GLU B 111 -12.05 -11.87 8.50
C GLU B 111 -11.84 -12.29 9.96
N LYS B 112 -10.59 -12.48 10.38
CA LYS B 112 -10.28 -13.09 11.68
C LYS B 112 -9.34 -12.28 12.59
N THR B 113 -9.12 -11.04 12.17
CA THR B 113 -8.37 -10.02 12.93
C THR B 113 -9.17 -8.74 12.78
N PRO B 114 -8.99 -7.78 13.69
CA PRO B 114 -9.61 -6.48 13.37
C PRO B 114 -8.79 -5.67 12.35
N HIS B 115 -7.66 -6.23 11.91
CA HIS B 115 -6.71 -5.54 11.02
C HIS B 115 -6.78 -6.01 9.57
N CYS B 116 -5.97 -5.39 8.72
CA CYS B 116 -5.95 -5.59 7.27
CA CYS B 116 -5.98 -5.76 7.32
C CYS B 116 -4.62 -6.10 6.74
N PHE B 117 -3.57 -5.95 7.55
CA PHE B 117 -2.22 -6.11 7.03
C PHE B 117 -1.25 -6.61 8.09
N LEU B 118 -0.74 -7.82 7.89
CA LEU B 118 0.30 -8.40 8.75
C LEU B 118 1.52 -8.71 7.91
N THR B 119 2.69 -8.71 8.56
CA THR B 119 3.95 -8.83 7.87
C THR B 119 4.89 -9.75 8.62
N ASP B 120 5.81 -10.36 7.88
CA ASP B 120 6.96 -11.13 8.39
C ASP B 120 6.68 -12.03 9.59
N GLN B 121 7.31 -11.74 10.73
CA GLN B 121 7.24 -12.63 11.89
C GLN B 121 5.84 -12.64 12.54
N GLY B 122 5.19 -11.48 12.59
CA GLY B 122 3.83 -11.36 13.12
C GLY B 122 2.82 -12.23 12.39
N ALA B 123 3.05 -12.41 11.09
CA ALA B 123 2.18 -13.20 10.22
C ALA B 123 2.57 -14.65 10.26
N ALA B 124 3.87 -14.94 10.45
CA ALA B 124 4.33 -16.31 10.68
C ALA B 124 3.71 -16.81 11.99
N GLN B 125 3.59 -15.90 12.96
CA GLN B 125 2.91 -16.21 14.22
C GLN B 125 1.42 -16.38 14.00
N PHE B 126 0.78 -15.41 13.32
CA PHE B 126 -0.66 -15.48 13.06
C PHE B 126 -1.10 -16.76 12.36
N ALA B 127 -0.33 -17.19 11.35
CA ALA B 127 -0.59 -18.45 10.66
C ALA B 127 -0.56 -19.64 11.65
N ALA B 128 0.45 -19.67 12.52
CA ALA B 128 0.55 -20.69 13.57
C ALA B 128 -0.57 -20.59 14.63
N ALA B 129 -1.03 -19.38 14.94
CA ALA B 129 -2.20 -19.24 15.81
C ALA B 129 -3.49 -19.64 15.09
N MET B 130 -3.46 -19.69 13.75
CA MET B 130 -4.63 -20.09 12.98
C MET B 130 -4.60 -21.55 12.48
N GLY B 131 -3.59 -22.30 12.92
CA GLY B 131 -3.45 -23.70 12.54
C GLY B 131 -2.95 -23.94 11.12
N VAL B 132 -2.05 -23.06 10.65
CA VAL B 132 -1.52 -23.17 9.28
C VAL B 132 -0.29 -24.07 9.19
N PRO B 133 -0.34 -25.10 8.34
CA PRO B 133 0.78 -26.04 8.23
C PRO B 133 2.04 -25.39 7.69
N GLU B 134 3.14 -25.57 8.41
CA GLU B 134 4.41 -25.09 7.93
C GLU B 134 4.91 -26.14 6.94
N ILE B 135 5.36 -25.70 5.77
CA ILE B 135 5.91 -26.64 4.82
C ILE B 135 7.40 -26.41 4.63
N PRO B 136 8.15 -27.49 4.34
CA PRO B 136 9.58 -27.38 4.05
C PRO B 136 9.85 -26.37 2.94
N GLY B 137 10.98 -25.67 3.04
CA GLY B 137 11.36 -24.66 2.06
C GLY B 137 11.73 -25.26 0.71
N GLU B 138 12.24 -26.49 0.73
CA GLU B 138 12.65 -27.21 -0.47
C GLU B 138 11.45 -27.52 -1.40
N LYS B 139 10.26 -27.55 -0.81
CA LYS B 139 9.05 -27.84 -1.57
C LYS B 139 8.59 -26.64 -2.40
N LEU B 140 8.61 -25.44 -1.81
CA LEU B 140 8.31 -24.20 -2.53
C LEU B 140 9.37 -23.85 -3.58
N VAL B 141 10.62 -24.23 -3.33
CA VAL B 141 11.68 -23.95 -4.30
C VAL B 141 11.77 -25.00 -5.41
N THR B 142 11.52 -24.58 -6.65
CA THR B 142 11.67 -25.46 -7.82
C THR B 142 13.11 -25.39 -8.37
N GLU B 143 13.40 -26.13 -9.44
CA GLU B 143 14.73 -26.10 -10.05
C GLU B 143 14.92 -24.92 -11.01
N ARG B 144 13.92 -24.66 -11.84
CA ARG B 144 14.00 -23.53 -12.78
C ARG B 144 14.31 -22.27 -12.01
N ASN B 145 13.78 -22.17 -10.79
CA ASN B 145 13.91 -20.99 -9.95
C ASN B 145 15.32 -20.76 -9.37
N LYS B 146 16.00 -21.84 -8.99
CA LYS B 146 17.43 -21.80 -8.63
C LYS B 146 18.29 -21.34 -9.82
N LYS B 147 17.89 -21.76 -11.02
CA LYS B 147 18.57 -21.41 -12.27
C LYS B 147 18.44 -19.93 -12.65
N ARG B 148 17.27 -19.35 -12.43
CA ARG B 148 17.04 -17.95 -12.78
C ARG B 148 17.85 -17.05 -11.88
N LEU B 149 18.01 -17.47 -10.63
CA LEU B 149 18.72 -16.67 -9.65
C LEU B 149 20.22 -16.62 -9.99
N GLU B 150 20.79 -17.78 -10.32
CA GLU B 150 22.20 -17.87 -10.73
C GLU B 150 22.55 -16.94 -11.90
N LYS B 151 21.74 -17.00 -12.95
CA LYS B 151 21.90 -16.22 -14.17
C LYS B 151 21.76 -14.70 -13.95
N GLU B 152 20.99 -14.34 -12.91
CA GLU B 152 20.93 -12.96 -12.45
C GLU B 152 22.10 -12.62 -11.50
N LYS B 153 22.59 -13.62 -10.77
CA LYS B 153 23.76 -13.46 -9.89
C LYS B 153 25.11 -13.45 -10.62
N HIS B 154 25.12 -13.76 -11.91
CA HIS B 154 26.34 -13.72 -12.74
C HIS B 154 26.88 -12.30 -12.89
N THR B 169 3.81 -13.45 -10.44
CA THR B 169 2.59 -12.87 -9.87
C THR B 169 1.37 -13.54 -10.46
N VAL B 170 0.34 -13.78 -9.78
CA VAL B 170 -0.98 -14.26 -10.27
C VAL B 170 -2.10 -13.47 -9.64
N GLY B 171 -3.25 -13.45 -10.28
CA GLY B 171 -4.39 -12.73 -9.72
C GLY B 171 -5.69 -13.30 -10.19
N ALA B 172 -6.78 -12.86 -9.54
CA ALA B 172 -8.13 -13.22 -9.94
C ALA B 172 -9.07 -12.07 -9.60
N VAL B 173 -9.97 -11.76 -10.51
CA VAL B 173 -11.12 -10.84 -10.27
C VAL B 173 -12.45 -11.61 -10.54
N ALA B 174 -13.51 -11.26 -9.83
CA ALA B 174 -14.78 -11.94 -10.01
C ALA B 174 -16.00 -11.10 -9.62
N LEU B 175 -17.09 -11.31 -10.35
CA LEU B 175 -18.40 -10.75 -10.02
C LEU B 175 -19.35 -11.93 -9.74
N ASP B 176 -19.96 -11.95 -8.55
CA ASP B 176 -20.84 -13.05 -8.19
C ASP B 176 -22.27 -12.83 -8.71
N CYS B 177 -23.18 -13.74 -8.39
CA CYS B 177 -24.58 -13.62 -8.85
C CYS B 177 -25.29 -12.40 -8.27
N LYS B 178 -24.84 -11.95 -7.09
CA LYS B 178 -25.40 -10.75 -6.49
C LYS B 178 -24.72 -9.48 -6.97
N GLY B 179 -23.74 -9.61 -7.86
CA GLY B 179 -23.14 -8.43 -8.43
C GLY B 179 -22.20 -7.75 -7.46
N ASN B 180 -21.67 -8.49 -6.49
CA ASN B 180 -20.53 -8.06 -5.72
C ASN B 180 -19.29 -8.33 -6.53
N VAL B 181 -18.20 -7.64 -6.20
CA VAL B 181 -16.91 -7.83 -6.89
C VAL B 181 -15.75 -8.00 -5.90
N ALA B 182 -14.70 -8.71 -6.32
CA ALA B 182 -13.51 -8.97 -5.50
C ALA B 182 -12.23 -9.17 -6.33
N TYR B 183 -11.08 -8.96 -5.69
CA TYR B 183 -9.81 -9.29 -6.34
C TYR B 183 -8.97 -10.19 -5.46
N ALA B 184 -8.05 -10.90 -6.10
CA ALA B 184 -7.00 -11.54 -5.36
C ALA B 184 -5.74 -11.56 -6.18
N THR B 185 -4.62 -11.29 -5.50
CA THR B 185 -3.31 -11.23 -6.13
C THR B 185 -2.39 -11.98 -5.18
N SER B 186 -1.38 -12.65 -5.74
CA SER B 186 -0.46 -13.48 -4.96
C SER B 186 0.88 -13.60 -5.74
N THR B 187 2.01 -13.50 -5.03
CA THR B 187 3.35 -13.50 -5.69
C THR B 187 4.52 -13.92 -4.75
N GLY B 188 5.52 -14.60 -5.33
CA GLY B 188 6.79 -14.83 -4.63
C GLY B 188 7.75 -13.64 -4.68
N GLY B 189 7.33 -12.57 -5.35
CA GLY B 189 8.11 -11.34 -5.54
C GLY B 189 8.78 -11.27 -6.91
N ILE B 190 10.04 -10.85 -6.92
CA ILE B 190 10.80 -10.59 -8.15
C ILE B 190 12.20 -11.22 -7.93
N VAL B 191 12.76 -11.88 -8.94
CA VAL B 191 14.07 -12.56 -8.79
C VAL B 191 15.22 -11.66 -8.31
N ASN B 192 16.01 -12.20 -7.37
CA ASN B 192 17.14 -11.52 -6.70
C ASN B 192 16.77 -10.23 -5.95
N LYS B 193 15.54 -10.18 -5.42
CA LYS B 193 15.09 -9.09 -4.54
C LYS B 193 15.74 -9.14 -3.15
N MET B 194 15.84 -7.98 -2.53
CA MET B 194 16.40 -7.92 -1.19
C MET B 194 15.51 -8.66 -0.21
N VAL B 195 16.08 -9.06 0.94
CA VAL B 195 15.28 -9.68 2.00
C VAL B 195 14.38 -8.58 2.59
N GLY B 196 13.10 -8.88 2.76
CA GLY B 196 12.13 -7.92 3.33
C GLY B 196 11.49 -7.01 2.32
N ARG B 197 11.91 -7.13 1.06
CA ARG B 197 11.32 -6.34 0.00
C ARG B 197 9.79 -6.62 -0.18
N VAL B 198 9.00 -5.56 -0.07
CA VAL B 198 7.55 -5.63 -0.28
C VAL B 198 7.21 -4.98 -1.61
N GLY B 199 6.44 -5.70 -2.42
CA GLY B 199 5.95 -5.17 -3.69
C GLY B 199 4.59 -4.51 -3.64
N ASP B 200 3.92 -4.51 -4.78
CA ASP B 200 2.60 -3.89 -4.87
C ASP B 200 1.47 -4.86 -4.53
N SER B 201 1.77 -6.16 -4.60
CA SER B 201 0.77 -7.23 -4.41
C SER B 201 -0.08 -7.09 -3.15
N PRO B 202 0.55 -6.89 -1.97
CA PRO B 202 -0.22 -6.84 -0.72
C PRO B 202 -0.70 -5.44 -0.37
N CYS B 203 -0.57 -4.52 -1.31
CA CYS B 203 -0.82 -3.11 -1.03
C CYS B 203 -2.07 -2.62 -1.76
N LEU B 204 -3.18 -2.48 -1.04
CA LEU B 204 -4.49 -2.14 -1.63
C LEU B 204 -4.40 -0.90 -2.50
N GLY B 205 -5.05 -0.95 -3.67
CA GLY B 205 -5.05 0.17 -4.59
C GLY B 205 -3.90 0.16 -5.58
N ALA B 206 -2.92 -0.70 -5.34
CA ALA B 206 -1.78 -0.84 -6.25
C ALA B 206 -1.83 -2.20 -6.96
N GLY B 207 -1.80 -3.28 -6.20
CA GLY B 207 -1.88 -4.65 -6.77
C GLY B 207 -3.30 -5.09 -7.10
N GLY B 208 -4.24 -4.57 -6.36
CA GLY B 208 -5.64 -4.80 -6.66
C GLY B 208 -6.49 -3.79 -5.96
N TYR B 209 -7.75 -3.70 -6.38
CA TYR B 209 -8.73 -2.89 -5.69
C TYR B 209 -10.07 -3.42 -6.15
N ALA B 210 -11.03 -3.54 -5.24
CA ALA B 210 -12.37 -3.96 -5.60
C ALA B 210 -13.40 -3.12 -4.89
N ASP B 211 -14.39 -2.63 -5.67
CA ASP B 211 -15.42 -1.71 -5.19
C ASP B 211 -16.68 -1.91 -6.04
N ASN B 212 -17.74 -2.37 -5.39
CA ASN B 212 -19.03 -2.62 -6.06
C ASN B 212 -19.55 -1.45 -6.89
N ASP B 213 -19.16 -0.22 -6.52
CA ASP B 213 -19.56 0.97 -7.24
C ASP B 213 -18.76 1.23 -8.49
N ILE B 214 -17.72 0.42 -8.73
CA ILE B 214 -16.83 0.59 -9.91
C ILE B 214 -16.57 -0.77 -10.54
N GLY B 215 -15.81 -1.60 -9.83
CA GLY B 215 -15.37 -2.89 -10.30
C GLY B 215 -14.21 -3.34 -9.45
N ALA B 216 -13.45 -4.28 -9.99
CA ALA B 216 -12.29 -4.87 -9.32
C ALA B 216 -11.24 -5.18 -10.36
N VAL B 217 -9.99 -5.10 -9.94
CA VAL B 217 -8.80 -5.16 -10.79
C VAL B 217 -7.73 -5.93 -10.02
N SER B 218 -6.90 -6.68 -10.73
CA SER B 218 -5.70 -7.33 -10.12
C SER B 218 -4.54 -7.00 -11.04
N THR B 219 -3.36 -6.74 -10.49
CA THR B 219 -2.24 -6.29 -11.32
C THR B 219 -0.99 -7.14 -11.25
N THR B 220 -0.10 -6.88 -12.19
CA THR B 220 1.15 -7.60 -12.33
C THR B 220 2.08 -6.74 -13.15
N GLY B 221 3.36 -6.75 -12.82
CA GLY B 221 4.29 -5.88 -13.54
C GLY B 221 5.49 -5.55 -12.71
N HIS B 222 6.11 -4.42 -13.01
CA HIS B 222 7.23 -3.92 -12.22
C HIS B 222 6.66 -3.40 -10.90
N GLY B 223 6.72 -4.23 -9.88
CA GLY B 223 6.04 -3.92 -8.63
C GLY B 223 6.16 -2.47 -8.22
N GLU B 224 7.39 -2.01 -7.98
CA GLU B 224 7.69 -0.64 -7.56
C GLU B 224 6.92 0.37 -8.37
N SER B 225 6.99 0.22 -9.70
CA SER B 225 6.24 1.05 -10.60
C SER B 225 4.74 0.96 -10.42
N ILE B 226 4.21 -0.21 -10.01
CA ILE B 226 2.75 -0.41 -9.78
C ILE B 226 2.32 0.35 -8.51
N LEU B 227 3.15 0.30 -7.46
CA LEU B 227 2.95 1.07 -6.22
C LEU B 227 3.05 2.57 -6.45
N LYS B 228 4.20 2.98 -6.98
CA LYS B 228 4.45 4.37 -7.38
C LYS B 228 3.20 5.03 -7.97
N VAL B 229 2.54 4.35 -8.92
CA VAL B 229 1.37 4.94 -9.61
C VAL B 229 0.02 4.48 -9.07
N ASN B 230 0.00 3.55 -8.11
CA ASN B 230 -1.28 3.01 -7.60
C ASN B 230 -2.16 2.47 -8.74
N LEU B 231 -1.61 1.52 -9.49
CA LEU B 231 -2.18 1.19 -10.80
C LEU B 231 -3.65 0.72 -10.76
N ALA B 232 -3.97 -0.08 -9.75
CA ALA B 232 -5.29 -0.69 -9.62
C ALA B 232 -6.41 0.30 -9.34
N ARG B 233 -6.18 1.22 -8.39
CA ARG B 233 -7.14 2.30 -8.10
C ARG B 233 -7.34 3.28 -9.28
N LEU B 234 -6.23 3.69 -9.91
CA LEU B 234 -6.20 4.52 -11.11
C LEU B 234 -7.04 3.96 -12.28
N THR B 235 -6.95 2.65 -12.50
CA THR B 235 -7.70 2.01 -13.57
C THR B 235 -9.16 2.27 -13.29
N LEU B 236 -9.51 2.12 -12.02
CA LEU B 236 -10.85 2.39 -11.53
C LEU B 236 -11.26 3.87 -11.59
N PHE B 237 -10.37 4.81 -11.17
CA PHE B 237 -10.57 6.28 -11.30
CA PHE B 237 -10.57 6.26 -11.34
C PHE B 237 -11.28 6.53 -12.64
N HIS B 238 -10.76 5.93 -13.73
CA HIS B 238 -11.27 6.15 -15.11
C HIS B 238 -12.68 5.65 -15.40
N ILE B 239 -12.93 4.40 -15.04
CA ILE B 239 -14.18 3.71 -15.24
C ILE B 239 -15.28 4.53 -14.54
N GLU B 240 -15.00 5.08 -13.36
CA GLU B 240 -15.90 6.06 -12.73
C GLU B 240 -16.11 7.30 -13.64
N GLN B 241 -15.06 7.74 -14.34
CA GLN B 241 -15.15 8.89 -15.24
C GLN B 241 -15.94 8.62 -16.56
N GLY B 242 -16.16 7.35 -16.88
CA GLY B 242 -16.96 6.98 -18.04
C GLY B 242 -16.25 6.21 -19.14
N LYS B 243 -14.92 6.19 -19.11
CA LYS B 243 -14.14 5.39 -20.07
C LYS B 243 -14.56 3.91 -20.04
N THR B 244 -14.21 3.12 -21.07
CA THR B 244 -14.51 1.68 -21.07
C THR B 244 -13.50 0.94 -20.19
N VAL B 245 -13.80 -0.31 -19.86
CA VAL B 245 -12.80 -1.16 -19.24
C VAL B 245 -11.53 -1.12 -20.08
N GLU B 246 -11.65 -1.35 -21.40
CA GLU B 246 -10.46 -1.44 -22.25
C GLU B 246 -9.72 -0.11 -22.39
N GLU B 247 -10.48 1.00 -22.47
CA GLU B 247 -9.92 2.37 -22.47
C GLU B 247 -9.16 2.68 -21.17
N ALA B 248 -9.77 2.33 -20.04
CA ALA B 248 -9.18 2.60 -18.72
C ALA B 248 -7.90 1.80 -18.49
N ALA B 249 -7.92 0.55 -18.90
CA ALA B 249 -6.76 -0.32 -18.79
C ALA B 249 -5.65 0.26 -19.68
N ASP B 250 -6.03 0.63 -20.91
CA ASP B 250 -5.10 1.35 -21.78
C ASP B 250 -4.51 2.55 -21.03
N LEU B 251 -5.37 3.45 -20.55
CA LEU B 251 -4.95 4.74 -19.94
C LEU B 251 -3.98 4.63 -18.75
N SER B 252 -4.21 3.65 -17.87
CA SER B 252 -3.39 3.51 -16.68
C SER B 252 -2.05 2.85 -16.99
N LEU B 253 -2.07 1.76 -17.74
CA LEU B 253 -0.83 1.07 -18.10
C LEU B 253 0.12 1.97 -18.88
N GLY B 254 -0.44 2.87 -19.68
CA GLY B 254 0.36 3.87 -20.41
C GLY B 254 0.95 4.91 -19.51
N TYR B 255 0.17 5.39 -18.54
CA TYR B 255 0.68 6.25 -17.50
C TYR B 255 1.85 5.60 -16.78
N MET B 256 1.71 4.33 -16.42
CA MET B 256 2.81 3.63 -15.75
C MET B 256 4.06 3.55 -16.65
N LYS B 257 3.84 3.39 -17.96
CA LYS B 257 4.94 3.43 -18.91
C LYS B 257 5.42 4.86 -19.14
N SER B 258 4.50 5.81 -19.34
CA SER B 258 4.98 7.14 -19.75
C SER B 258 5.60 7.89 -18.57
N ARG B 259 5.05 7.72 -17.36
CA ARG B 259 5.56 8.36 -16.15
C ARG B 259 6.77 7.69 -15.46
N VAL B 260 6.65 6.40 -15.12
CA VAL B 260 7.70 5.76 -14.33
C VAL B 260 8.52 4.73 -15.07
N LYS B 261 8.38 4.72 -16.40
CA LYS B 261 9.11 3.76 -17.23
C LYS B 261 8.98 2.31 -16.73
N GLY B 262 7.73 1.89 -16.48
CA GLY B 262 7.46 0.53 -16.02
C GLY B 262 6.37 -0.14 -16.84
N LEU B 263 6.56 -1.42 -17.10
CA LEU B 263 5.63 -2.27 -17.83
C LEU B 263 4.84 -3.13 -16.85
N GLY B 264 3.69 -3.61 -17.31
CA GLY B 264 2.89 -4.56 -16.54
C GLY B 264 1.59 -4.95 -17.21
N GLY B 265 0.70 -5.53 -16.43
CA GLY B 265 -0.56 -6.03 -16.99
C GLY B 265 -1.67 -5.89 -16.01
N LEU B 266 -2.91 -5.93 -16.51
CA LEU B 266 -4.07 -5.88 -15.64
C LEU B 266 -5.27 -6.64 -16.18
N ILE B 267 -6.13 -7.02 -15.24
CA ILE B 267 -7.43 -7.58 -15.54
C ILE B 267 -8.44 -6.82 -14.67
N VAL B 268 -9.62 -6.58 -15.21
CA VAL B 268 -10.66 -5.81 -14.53
C VAL B 268 -11.98 -6.39 -14.97
N VAL B 269 -12.95 -6.39 -14.06
CA VAL B 269 -14.34 -6.56 -14.41
C VAL B 269 -15.07 -5.44 -13.67
N SER B 270 -15.91 -4.71 -14.39
CA SER B 270 -16.60 -3.59 -13.78
C SER B 270 -17.94 -4.05 -13.18
N LYS B 271 -18.64 -3.14 -12.51
CA LYS B 271 -19.96 -3.49 -11.97
C LYS B 271 -21.00 -3.86 -13.05
N THR B 272 -20.76 -3.55 -14.31
CA THR B 272 -21.71 -3.96 -15.38
C THR B 272 -21.38 -5.34 -15.96
N GLY B 273 -20.26 -5.94 -15.52
CA GLY B 273 -19.89 -7.30 -15.94
C GLY B 273 -19.03 -7.32 -17.20
N ASP B 274 -18.60 -6.13 -17.62
CA ASP B 274 -17.67 -6.00 -18.72
C ASP B 274 -16.24 -6.12 -18.20
N TRP B 275 -15.45 -6.85 -18.95
CA TRP B 275 -14.16 -7.29 -18.50
C TRP B 275 -13.27 -7.24 -19.71
N VAL B 276 -11.97 -7.10 -19.45
CA VAL B 276 -10.88 -7.21 -20.46
C VAL B 276 -9.59 -7.58 -19.70
N ALA B 277 -8.62 -8.16 -20.43
CA ALA B 277 -7.24 -8.34 -19.94
C ALA B 277 -6.22 -7.60 -20.83
N LYS B 278 -5.55 -6.57 -20.28
CA LYS B 278 -4.59 -5.76 -21.07
C LYS B 278 -3.20 -5.68 -20.44
N TRP B 279 -2.17 -5.69 -21.29
CA TRP B 279 -0.78 -5.63 -20.84
C TRP B 279 0.13 -4.89 -21.81
N THR B 280 1.09 -4.17 -21.21
CA THR B 280 2.20 -3.51 -21.89
C THR B 280 3.49 -4.31 -21.66
N SER B 281 3.40 -5.42 -20.93
CA SER B 281 4.51 -6.37 -20.84
C SER B 281 4.53 -7.17 -22.15
N THR B 282 5.57 -7.97 -22.38
CA THR B 282 5.61 -8.84 -23.57
C THR B 282 4.46 -9.84 -23.56
N SER B 283 4.23 -10.45 -22.40
CA SER B 283 3.18 -11.46 -22.24
CA SER B 283 3.19 -11.47 -22.24
C SER B 283 2.43 -11.32 -20.91
N MET B 284 1.23 -11.89 -20.87
CA MET B 284 0.41 -12.02 -19.65
C MET B 284 -0.63 -13.08 -19.95
N PRO B 285 -0.36 -14.33 -19.53
CA PRO B 285 -1.37 -15.35 -19.69
C PRO B 285 -2.64 -14.97 -18.94
N TRP B 286 -3.79 -15.13 -19.59
CA TRP B 286 -5.07 -14.76 -18.98
C TRP B 286 -6.17 -15.77 -19.34
N ALA B 287 -7.20 -15.80 -18.50
CA ALA B 287 -8.36 -16.65 -18.71
C ALA B 287 -9.55 -16.03 -17.99
N ALA B 288 -10.65 -15.82 -18.75
CA ALA B 288 -11.92 -15.37 -18.24
C ALA B 288 -12.98 -16.45 -18.50
N ALA B 289 -13.96 -16.52 -17.62
CA ALA B 289 -15.05 -17.47 -17.78
C ALA B 289 -16.34 -16.71 -17.51
N LYS B 290 -17.30 -16.88 -18.43
CA LYS B 290 -18.58 -16.13 -18.44
C LYS B 290 -19.47 -16.78 -19.49
N ASP B 291 -20.69 -17.15 -19.06
CA ASP B 291 -21.68 -17.84 -19.92
C ASP B 291 -21.24 -19.21 -20.42
N GLY B 292 -20.58 -19.96 -19.54
CA GLY B 292 -20.07 -21.29 -19.88
C GLY B 292 -19.06 -21.34 -21.01
N LYS B 293 -18.34 -20.24 -21.21
CA LYS B 293 -17.33 -20.21 -22.26
C LYS B 293 -16.00 -19.62 -21.72
N LEU B 294 -14.94 -20.38 -21.90
CA LEU B 294 -13.61 -20.05 -21.40
C LEU B 294 -12.80 -19.35 -22.47
N HIS B 295 -12.22 -18.22 -22.11
CA HIS B 295 -11.40 -17.41 -23.00
C HIS B 295 -9.95 -17.47 -22.48
N PHE B 296 -8.99 -17.72 -23.39
CA PHE B 296 -7.58 -17.87 -23.00
C PHE B 296 -6.62 -17.17 -23.96
N GLY B 297 -5.46 -16.73 -23.42
CA GLY B 297 -4.39 -16.14 -24.23
C GLY B 297 -3.14 -15.86 -23.44
N ILE B 298 -1.98 -15.85 -24.11
CA ILE B 298 -0.69 -15.50 -23.51
C ILE B 298 -0.10 -14.27 -24.21
N ASP B 299 -0.14 -14.29 -25.54
CA ASP B 299 0.42 -13.20 -26.37
C ASP B 299 -0.68 -12.31 -27.00
N PRO B 300 -0.35 -11.03 -27.26
CA PRO B 300 -1.33 -10.00 -27.69
C PRO B 300 -2.04 -10.23 -29.03
N ASP B 301 -3.37 -10.25 -28.97
CA ASP B 301 -4.29 -10.42 -30.13
C ASP B 301 -4.37 -11.84 -30.71
N ASP B 302 -4.31 -12.83 -29.83
CA ASP B 302 -4.50 -14.23 -30.19
C ASP B 302 -5.36 -14.88 -29.09
N THR B 303 -6.66 -14.93 -29.31
CA THR B 303 -7.60 -15.34 -28.25
C THR B 303 -8.49 -16.52 -28.60
N THR B 304 -8.37 -17.57 -27.80
CA THR B 304 -9.17 -18.77 -27.98
C THR B 304 -10.43 -18.73 -27.09
N ILE B 305 -11.47 -19.45 -27.51
CA ILE B 305 -12.67 -19.66 -26.72
C ILE B 305 -13.07 -21.14 -26.76
N THR B 306 -13.31 -21.74 -25.60
CA THR B 306 -13.87 -23.10 -25.52
C THR B 306 -15.03 -23.17 -24.53
N ASP B 307 -15.75 -24.29 -24.57
CA ASP B 307 -16.84 -24.57 -23.66
C ASP B 307 -16.38 -24.86 -22.25
N LEU B 308 -17.10 -24.32 -21.27
CA LEU B 308 -16.99 -24.81 -19.90
C LEU B 308 -18.01 -25.93 -19.70
N PRO B 309 -17.52 -27.14 -19.32
CA PRO B 309 -18.34 -28.33 -19.09
C PRO B 309 -19.67 -28.04 -18.38
#